data_7RC3
#
_entry.id   7RC3
#
_cell.length_a   77.697
_cell.length_b   77.697
_cell.length_c   152.239
_cell.angle_alpha   90.000
_cell.angle_beta   90.000
_cell.angle_gamma   120.000
#
_symmetry.space_group_name_H-M   'P 32 2 1'
#
loop_
_entity.id
_entity.type
_entity.pdbx_description
1 polymer 'Methyltransferase family protein'
2 non-polymer 'ASPARTIC ACID'
3 non-polymer 'TETRAETHYLENE GLYCOL'
4 non-polymer 'TRIETHYLENE GLYCOL'
5 non-polymer 'HEXAETHYLENE GLYCOL'
6 non-polymer S-ADENOSYL-L-HOMOCYSTEINE
7 non-polymer 'CALCIUM ION'
8 non-polymer 'SODIUM ION'
9 water water
#
_entity_poly.entity_id   1
_entity_poly.type   'polypeptide(L)'
_entity_poly.pdbx_seq_one_letter_code
;MTPPLATTIDRLRDYLDRVGFQQIYKYIVAVNHYAVTPALITRNTAASVHHFFDSRLGGRAEFALLQCLMTGRPAEHAAL
PDKDRALADALVTAGLLRASPDGREVSGADRQLISAFGVDLLIDRRIHFGGEVHEVFIGPDSYWMLYYINASGIARTHRA
VDLCTGSGIAALYLSLFTDHVLATDIGDVPLALVEINRRLNRRDAGTMEIRRENLNDTLDGRERFDLLTCNPPFVAFPPG
YSGTLYSQGTGVDGLGYMRDIVGRLPEVLNPGGSAYLVADLCGDAHGPHFLGELESMVTGHGMRIEAFIDHVLPASAQVG
PISDFLRHAAGLPADTDIAADVQAFQRETLRADYYYLTTIRLQTAAQNPGLRMLRRDPLPGAGT
;
_entity_poly.pdbx_strand_id   A
#
# COMPACT_ATOMS: atom_id res chain seq x y z
N PRO A 3 22.05 -13.01 -4.82
CA PRO A 3 21.99 -14.34 -4.19
C PRO A 3 22.10 -14.35 -2.66
N PRO A 4 23.06 -13.62 -2.05
CA PRO A 4 23.04 -13.57 -0.57
C PRO A 4 21.80 -12.90 -0.02
N LEU A 5 21.25 -11.88 -0.70
CA LEU A 5 20.01 -11.29 -0.20
C LEU A 5 18.89 -12.32 -0.22
N ALA A 6 18.80 -13.11 -1.29
CA ALA A 6 17.72 -14.10 -1.38
C ALA A 6 17.82 -15.13 -0.26
N THR A 7 19.04 -15.56 0.06
CA THR A 7 19.24 -16.49 1.18
C THR A 7 18.88 -15.83 2.50
N THR A 8 19.21 -14.55 2.65
CA THR A 8 18.86 -13.84 3.88
C THR A 8 17.34 -13.74 4.04
N ILE A 9 16.63 -13.47 2.95
CA ILE A 9 15.17 -13.39 3.04
C ILE A 9 14.56 -14.76 3.33
N ASP A 10 15.13 -15.83 2.74
CA ASP A 10 14.65 -17.17 3.06
C ASP A 10 14.83 -17.46 4.55
N ARG A 11 15.97 -17.06 5.12
CA ARG A 11 16.21 -17.28 6.54
C ARG A 11 15.30 -16.40 7.40
N LEU A 12 14.96 -15.20 6.92
CA LEU A 12 13.99 -14.37 7.63
C LEU A 12 12.63 -15.05 7.67
N ARG A 13 12.22 -15.60 6.54
CA ARG A 13 10.95 -16.35 6.50
C ARG A 13 11.00 -17.54 7.46
N ASP A 14 12.07 -18.25 7.47
N ASP A 14 12.08 -18.23 7.48
CA ASP A 14 12.18 -19.32 8.44
CA ASP A 14 12.21 -19.32 8.44
C ASP A 14 12.00 -18.83 9.87
C ASP A 14 11.99 -18.82 9.87
N TYR A 15 12.60 -17.69 10.22
CA TYR A 15 12.45 -17.16 11.58
C TYR A 15 11.01 -16.77 11.86
N LEU A 16 10.37 -16.04 10.93
CA LEU A 16 8.99 -15.64 11.15
C LEU A 16 8.09 -16.86 11.33
N ASP A 17 8.38 -17.94 10.60
CA ASP A 17 7.58 -19.16 10.81
C ASP A 17 7.84 -19.78 12.17
N ARG A 18 9.11 -19.82 12.58
CA ARG A 18 9.51 -20.49 13.83
C ARG A 18 8.84 -19.88 15.06
N VAL A 19 8.66 -18.56 15.06
CA VAL A 19 8.13 -17.87 16.22
C VAL A 19 6.71 -17.39 16.00
N GLY A 20 6.08 -17.81 14.91
CA GLY A 20 4.67 -17.48 14.69
C GLY A 20 4.39 -16.00 14.55
N PHE A 21 5.23 -15.29 13.78
CA PHE A 21 5.07 -13.83 13.66
C PHE A 21 3.64 -13.43 13.29
N GLN A 22 3.09 -14.00 12.22
CA GLN A 22 1.81 -13.49 11.74
C GLN A 22 0.73 -13.62 12.80
N GLN A 23 0.76 -14.72 13.56
CA GLN A 23 -0.21 -14.91 14.62
C GLN A 23 -0.01 -13.91 15.76
N ILE A 24 1.26 -13.61 16.08
N ILE A 24 1.25 -13.57 16.09
CA ILE A 24 1.57 -12.62 17.12
CA ILE A 24 1.46 -12.61 17.15
C ILE A 24 1.05 -11.25 16.71
C ILE A 24 1.01 -11.22 16.71
N TYR A 25 1.36 -10.82 15.47
CA TYR A 25 0.87 -9.55 14.96
C TYR A 25 -0.65 -9.51 14.99
N LYS A 26 -1.29 -10.57 14.51
CA LYS A 26 -2.75 -10.63 14.47
C LYS A 26 -3.34 -10.55 15.86
N TYR A 27 -2.70 -11.20 16.85
CA TYR A 27 -3.20 -11.12 18.22
C TYR A 27 -3.08 -9.71 18.77
N ILE A 28 -1.92 -9.07 18.54
CA ILE A 28 -1.69 -7.73 19.09
C ILE A 28 -2.71 -6.73 18.56
N VAL A 29 -2.95 -6.75 17.24
CA VAL A 29 -3.82 -5.72 16.65
C VAL A 29 -5.30 -6.06 16.72
N ALA A 30 -5.62 -7.35 16.80
CA ALA A 30 -6.97 -7.92 16.91
C ALA A 30 -7.76 -7.86 15.60
N VAL A 31 -8.75 -8.76 15.49
CA VAL A 31 -9.46 -8.95 14.22
C VAL A 31 -10.30 -7.75 13.82
N ASN A 32 -10.68 -6.90 14.78
CA ASN A 32 -11.44 -5.70 14.41
C ASN A 32 -10.56 -4.54 13.96
N HIS A 33 -9.22 -4.69 13.96
CA HIS A 33 -8.34 -3.68 13.37
C HIS A 33 -7.44 -4.20 12.25
N TYR A 34 -7.27 -5.52 12.12
CA TYR A 34 -6.25 -6.09 11.24
C TYR A 34 -6.38 -5.61 9.79
N ALA A 35 -7.61 -5.47 9.29
CA ALA A 35 -7.82 -5.07 7.89
C ALA A 35 -8.26 -3.63 7.76
N VAL A 36 -8.23 -2.84 8.84
CA VAL A 36 -8.64 -1.44 8.78
C VAL A 36 -7.52 -0.56 8.22
N THR A 37 -6.30 -0.72 8.74
CA THR A 37 -5.22 0.19 8.36
C THR A 37 -3.88 -0.46 8.67
N PRO A 38 -2.83 -0.15 7.91
CA PRO A 38 -1.48 -0.56 8.32
C PRO A 38 -0.88 0.28 9.43
N ALA A 39 -1.52 1.40 9.79
CA ALA A 39 -0.97 2.31 10.81
C ALA A 39 -1.46 1.92 12.20
N LEU A 40 -1.13 0.69 12.60
CA LEU A 40 -1.51 0.14 13.91
C LEU A 40 -0.34 0.13 14.88
N ILE A 41 0.78 -0.43 14.46
CA ILE A 41 2.02 -0.34 15.22
C ILE A 41 2.78 0.87 14.70
N THR A 42 2.88 1.91 15.53
CA THR A 42 3.42 3.21 15.14
C THR A 42 4.24 3.76 16.30
N ARG A 43 4.84 4.93 16.09
CA ARG A 43 5.54 5.60 17.19
C ARG A 43 4.64 5.78 18.40
N ASN A 44 3.34 5.96 18.19
CA ASN A 44 2.43 6.25 19.29
C ASN A 44 1.96 5.00 20.04
N THR A 45 2.11 3.81 19.45
CA THR A 45 1.71 2.58 20.12
C THR A 45 2.86 1.63 20.43
N ALA A 46 4.10 1.99 20.07
CA ALA A 46 5.23 1.07 20.24
C ALA A 46 5.49 0.74 21.70
N ALA A 47 5.38 1.73 22.60
CA ALA A 47 5.61 1.45 24.01
C ALA A 47 4.63 0.37 24.51
N SER A 48 3.39 0.43 24.06
N SER A 48 3.39 0.44 24.06
CA SER A 48 2.43 -0.60 24.49
CA SER A 48 2.42 -0.59 24.44
C SER A 48 2.74 -1.96 23.85
C SER A 48 2.78 -1.94 23.86
N VAL A 49 3.31 -1.96 22.63
CA VAL A 49 3.74 -3.24 22.04
C VAL A 49 4.88 -3.83 22.86
N HIS A 50 5.85 -3.00 23.23
CA HIS A 50 6.97 -3.47 24.04
C HIS A 50 6.50 -4.03 25.38
N HIS A 51 5.53 -3.36 26.00
CA HIS A 51 5.02 -3.84 27.28
C HIS A 51 4.33 -5.19 27.11
N PHE A 52 3.62 -5.38 26.00
CA PHE A 52 2.99 -6.67 25.76
C PHE A 52 4.04 -7.78 25.66
N PHE A 53 5.08 -7.55 24.87
CA PHE A 53 6.13 -8.57 24.76
C PHE A 53 6.80 -8.83 26.10
N ASP A 54 7.01 -7.76 26.88
CA ASP A 54 7.72 -7.90 28.15
C ASP A 54 6.89 -8.60 29.20
N SER A 55 5.61 -8.28 29.28
CA SER A 55 4.76 -8.72 30.39
C SER A 55 3.86 -9.89 30.04
N ARG A 56 3.29 -9.91 28.82
CA ARG A 56 2.42 -11.01 28.45
C ARG A 56 3.17 -12.15 27.76
N LEU A 57 4.28 -11.85 27.08
CA LEU A 57 5.10 -12.89 26.46
C LEU A 57 6.39 -13.12 27.24
N GLY A 58 6.53 -12.48 28.41
CA GLY A 58 7.62 -12.78 29.32
C GLY A 58 9.00 -12.36 28.88
N GLY A 59 9.11 -11.47 27.89
CA GLY A 59 10.43 -11.04 27.45
C GLY A 59 11.25 -12.11 26.77
N ARG A 60 10.63 -13.20 26.33
CA ARG A 60 11.35 -14.35 25.78
C ARG A 60 12.29 -13.95 24.65
N ALA A 61 13.51 -14.49 24.70
CA ALA A 61 14.54 -14.11 23.74
C ALA A 61 14.16 -14.46 22.31
N GLU A 62 13.32 -15.49 22.10
CA GLU A 62 12.94 -15.84 20.73
C GLU A 62 12.16 -14.72 20.04
N PHE A 63 11.63 -13.76 20.79
CA PHE A 63 10.89 -12.65 20.19
C PHE A 63 11.72 -11.38 20.10
N ALA A 64 13.01 -11.44 20.44
CA ALA A 64 13.82 -10.22 20.46
C ALA A 64 14.06 -9.70 19.05
N LEU A 65 14.52 -10.57 18.15
CA LEU A 65 14.75 -10.14 16.77
C LEU A 65 13.45 -9.67 16.13
N LEU A 66 12.34 -10.33 16.49
CA LEU A 66 11.03 -9.95 15.94
C LEU A 66 10.70 -8.51 16.26
N GLN A 67 10.99 -8.06 17.48
CA GLN A 67 10.70 -6.67 17.84
C GLN A 67 11.62 -5.70 17.12
N CYS A 68 12.88 -6.09 16.86
CA CYS A 68 13.73 -5.24 16.02
C CYS A 68 13.05 -4.94 14.71
N LEU A 69 12.41 -5.94 14.13
CA LEU A 69 11.76 -5.81 12.83
C LEU A 69 10.42 -5.08 12.94
N MET A 70 9.72 -5.22 14.05
CA MET A 70 8.34 -4.83 14.17
C MET A 70 8.26 -3.35 14.63
N THR A 71 9.10 -2.96 15.60
CA THR A 71 9.13 -1.60 16.13
C THR A 71 10.47 -0.90 16.03
N GLY A 72 11.56 -1.64 15.79
CA GLY A 72 12.90 -1.10 15.84
C GLY A 72 13.59 -1.22 17.18
N ARG A 73 12.93 -1.83 18.17
CA ARG A 73 13.48 -1.95 19.52
C ARG A 73 14.84 -2.63 19.50
N PRO A 74 15.81 -2.13 20.26
CA PRO A 74 17.13 -2.79 20.30
C PRO A 74 17.07 -4.12 21.03
N ALA A 75 17.90 -5.05 20.55
CA ALA A 75 18.17 -6.32 21.21
C ALA A 75 19.68 -6.48 21.37
N GLU A 76 20.12 -6.84 22.57
CA GLU A 76 21.54 -7.12 22.75
C GLU A 76 21.96 -8.30 21.89
N HIS A 77 23.04 -8.12 21.12
CA HIS A 77 23.49 -9.16 20.20
C HIS A 77 23.74 -10.49 20.92
N ALA A 78 24.37 -10.43 22.10
CA ALA A 78 24.69 -11.64 22.84
C ALA A 78 23.47 -12.28 23.49
N ALA A 79 22.35 -11.57 23.59
CA ALA A 79 21.12 -12.12 24.13
C ALA A 79 20.27 -12.82 23.08
N LEU A 80 20.60 -12.68 21.80
CA LEU A 80 19.85 -13.37 20.77
C LEU A 80 20.15 -14.86 20.80
N PRO A 81 19.15 -15.70 20.58
CA PRO A 81 19.41 -17.13 20.40
C PRO A 81 20.38 -17.33 19.26
N ASP A 82 21.17 -18.41 19.32
CA ASP A 82 22.24 -18.62 18.34
C ASP A 82 21.76 -18.55 16.89
N LYS A 83 20.65 -19.23 16.56
CA LYS A 83 20.16 -19.19 15.17
C LYS A 83 19.74 -17.79 14.77
N ASP A 84 19.14 -17.06 15.69
CA ASP A 84 18.67 -15.72 15.38
C ASP A 84 19.83 -14.76 15.22
N ARG A 85 20.93 -15.00 15.93
CA ARG A 85 22.08 -14.09 15.89
C ARG A 85 22.68 -14.02 14.50
N ALA A 86 22.86 -15.16 13.85
CA ALA A 86 23.43 -15.19 12.50
C ALA A 86 22.49 -14.53 11.50
N LEU A 87 21.18 -14.75 11.65
CA LEU A 87 20.21 -14.03 10.82
C LEU A 87 20.30 -12.53 11.05
N ALA A 88 20.37 -12.10 12.31
CA ALA A 88 20.51 -10.68 12.60
C ALA A 88 21.70 -10.07 11.87
N ASP A 89 22.83 -10.79 11.88
CA ASP A 89 24.02 -10.28 11.21
C ASP A 89 23.77 -10.13 9.71
N ALA A 90 23.09 -11.12 9.11
CA ALA A 90 22.78 -11.04 7.69
C ALA A 90 21.83 -9.88 7.39
N LEU A 91 20.86 -9.64 8.28
CA LEU A 91 19.96 -8.52 8.06
C LEU A 91 20.71 -7.19 8.15
N VAL A 92 21.66 -7.08 9.08
CA VAL A 92 22.47 -5.85 9.17
C VAL A 92 23.28 -5.66 7.90
N THR A 93 23.90 -6.73 7.40
CA THR A 93 24.67 -6.66 6.16
C THR A 93 23.80 -6.18 4.99
N ALA A 94 22.54 -6.63 4.95
CA ALA A 94 21.58 -6.26 3.91
C ALA A 94 21.00 -4.87 4.11
N GLY A 95 21.29 -4.20 5.22
CA GLY A 95 20.70 -2.91 5.51
C GLY A 95 19.27 -2.94 5.97
N LEU A 96 18.76 -4.12 6.32
CA LEU A 96 17.37 -4.25 6.77
C LEU A 96 17.22 -4.10 8.27
N LEU A 97 18.33 -4.15 9.02
CA LEU A 97 18.40 -3.76 10.42
C LEU A 97 19.70 -2.99 10.59
N ARG A 98 19.86 -2.32 11.73
CA ARG A 98 21.10 -1.64 12.07
C ARG A 98 21.81 -2.34 13.22
N ALA A 99 23.12 -2.19 13.27
CA ALA A 99 23.88 -2.46 14.47
C ALA A 99 24.26 -1.14 15.14
N SER A 100 24.34 -1.17 16.47
CA SER A 100 24.87 -0.04 17.22
C SER A 100 26.34 0.15 16.88
N PRO A 101 26.93 1.31 17.19
CA PRO A 101 28.29 1.55 16.72
C PRO A 101 29.30 0.59 17.31
N ASP A 102 29.11 0.14 18.54
CA ASP A 102 30.02 -0.83 19.16
C ASP A 102 29.65 -2.27 18.85
N GLY A 103 28.63 -2.50 18.02
CA GLY A 103 28.23 -3.83 17.61
C GLY A 103 27.52 -4.65 18.66
N ARG A 104 27.21 -4.09 19.82
CA ARG A 104 26.68 -4.88 20.92
C ARG A 104 25.16 -5.05 20.86
N GLU A 105 24.50 -4.39 19.92
CA GLU A 105 23.06 -4.59 19.79
C GLU A 105 22.64 -4.43 18.33
N VAL A 106 21.43 -4.89 18.04
CA VAL A 106 20.77 -4.77 16.74
C VAL A 106 19.46 -4.00 16.96
N SER A 107 19.09 -3.16 16.00
CA SER A 107 17.88 -2.35 16.14
C SER A 107 17.34 -2.02 14.75
N GLY A 108 16.28 -1.21 14.72
CA GLY A 108 15.58 -0.98 13.46
C GLY A 108 16.35 -0.13 12.47
N ALA A 109 16.11 -0.38 11.19
CA ALA A 109 16.62 0.45 10.10
C ALA A 109 15.44 1.22 9.51
N ASP A 110 15.19 1.17 8.20
CA ASP A 110 14.05 1.88 7.61
C ASP A 110 12.96 0.94 7.14
N ARG A 111 12.93 -0.30 7.63
CA ARG A 111 11.88 -1.23 7.21
C ARG A 111 11.16 -1.77 8.45
N GLN A 112 9.84 -1.73 8.39
CA GLN A 112 8.95 -2.20 9.45
C GLN A 112 8.22 -3.44 8.98
N LEU A 113 8.19 -4.48 9.81
CA LEU A 113 7.52 -5.73 9.46
C LEU A 113 6.08 -5.70 9.97
N ILE A 114 5.11 -5.87 9.06
CA ILE A 114 3.70 -5.98 9.42
C ILE A 114 3.15 -7.25 8.79
N SER A 115 1.88 -7.55 9.09
CA SER A 115 1.12 -8.54 8.33
C SER A 115 -0.15 -7.87 7.84
N ALA A 116 -0.53 -8.17 6.60
CA ALA A 116 -1.76 -7.61 6.05
C ALA A 116 -2.37 -8.63 5.11
N PHE A 117 -3.68 -8.86 5.26
CA PHE A 117 -4.43 -9.74 4.37
C PHE A 117 -3.75 -11.09 4.20
N GLY A 118 -3.16 -11.58 5.30
CA GLY A 118 -2.59 -12.92 5.31
C GLY A 118 -1.18 -13.02 4.77
N VAL A 119 -0.57 -11.89 4.39
CA VAL A 119 0.77 -11.80 3.82
C VAL A 119 1.68 -11.15 4.85
N ASP A 120 2.96 -11.52 4.82
CA ASP A 120 3.96 -10.87 5.66
C ASP A 120 4.69 -9.84 4.81
N LEU A 121 4.85 -8.62 5.32
CA LEU A 121 5.24 -7.50 4.49
C LEU A 121 6.23 -6.59 5.22
N LEU A 122 7.37 -6.32 4.59
CA LEU A 122 8.20 -5.20 5.01
C LEU A 122 7.70 -3.93 4.33
N ILE A 123 7.54 -2.86 5.10
CA ILE A 123 7.10 -1.56 4.60
C ILE A 123 8.11 -0.50 5.00
N ASP A 124 7.93 0.71 4.49
CA ASP A 124 8.83 1.81 4.85
C ASP A 124 8.49 2.30 6.26
N ARG A 125 9.42 2.06 7.19
CA ARG A 125 9.21 2.39 8.60
C ARG A 125 8.97 3.89 8.81
N ARG A 126 9.45 4.71 7.90
CA ARG A 126 9.34 6.16 8.07
C ARG A 126 7.90 6.66 7.98
N ILE A 127 6.98 5.87 7.44
CA ILE A 127 5.60 6.32 7.38
C ILE A 127 4.95 6.34 8.77
N HIS A 128 5.41 5.49 9.70
CA HIS A 128 4.79 5.36 11.02
C HIS A 128 5.69 5.76 12.17
N PHE A 129 6.99 5.94 11.93
CA PHE A 129 7.97 6.26 12.96
C PHE A 129 8.83 7.43 12.50
N GLY A 130 9.49 8.07 13.46
CA GLY A 130 10.56 9.00 13.09
C GLY A 130 10.08 10.26 12.38
N GLY A 131 11.01 10.90 11.68
CA GLY A 131 10.72 12.20 11.09
C GLY A 131 11.29 12.51 9.71
N GLU A 132 11.69 11.48 8.96
CA GLU A 132 12.14 11.63 7.58
C GLU A 132 11.05 11.12 6.64
N VAL A 133 10.91 11.77 5.47
CA VAL A 133 9.83 11.45 4.56
C VAL A 133 10.02 10.06 3.98
N HIS A 134 8.94 9.28 3.92
CA HIS A 134 9.04 7.92 3.43
C HIS A 134 9.20 7.89 1.90
N GLU A 135 9.72 6.77 1.40
CA GLU A 135 9.92 6.54 -0.02
C GLU A 135 9.01 5.46 -0.61
N VAL A 136 8.36 4.63 0.23
CA VAL A 136 7.37 3.67 -0.26
C VAL A 136 6.08 3.90 0.50
N PHE A 137 4.99 4.04 -0.24
CA PHE A 137 3.69 4.28 0.33
C PHE A 137 3.00 2.97 0.73
N ILE A 138 2.29 3.01 1.86
CA ILE A 138 1.16 2.11 2.12
C ILE A 138 0.21 2.87 3.04
N GLY A 139 -1.09 2.54 2.97
CA GLY A 139 -2.06 3.26 3.79
C GLY A 139 -3.39 2.53 3.87
N PRO A 140 -4.36 3.12 4.59
CA PRO A 140 -5.67 2.45 4.72
C PRO A 140 -6.35 2.30 3.38
N ASP A 141 -6.10 3.22 2.44
CA ASP A 141 -6.67 3.07 1.11
C ASP A 141 -6.17 1.81 0.42
N SER A 142 -4.90 1.44 0.65
CA SER A 142 -4.38 0.17 0.13
C SER A 142 -5.23 -1.00 0.61
N TYR A 143 -5.59 -0.99 1.89
CA TYR A 143 -6.35 -2.08 2.49
C TYR A 143 -7.77 -2.12 1.97
N TRP A 144 -8.40 -0.96 1.83
CA TRP A 144 -9.80 -0.97 1.48
C TRP A 144 -10.01 -1.42 0.04
N MET A 145 -9.04 -1.16 -0.85
CA MET A 145 -9.28 -1.61 -2.21
C MET A 145 -9.21 -3.14 -2.27
N LEU A 146 -8.39 -3.77 -1.40
CA LEU A 146 -8.33 -5.22 -1.32
C LEU A 146 -9.53 -5.82 -0.62
N TYR A 147 -10.07 -5.11 0.38
CA TYR A 147 -11.22 -5.60 1.13
C TYR A 147 -12.37 -5.99 0.22
N TYR A 148 -12.64 -5.19 -0.82
CA TYR A 148 -13.83 -5.42 -1.65
C TYR A 148 -13.64 -6.50 -2.72
N ILE A 149 -12.45 -7.09 -2.87
CA ILE A 149 -12.26 -8.17 -3.86
C ILE A 149 -12.98 -9.44 -3.38
N ASN A 150 -13.78 -10.07 -4.25
CA ASN A 150 -14.39 -11.33 -3.82
C ASN A 150 -13.42 -12.46 -4.19
N ALA A 151 -12.67 -12.90 -3.18
CA ALA A 151 -11.57 -13.82 -3.43
C ALA A 151 -12.05 -15.18 -3.92
N SER A 152 -13.25 -15.59 -3.51
CA SER A 152 -13.75 -16.91 -3.90
C SER A 152 -14.04 -17.01 -5.39
N GLY A 153 -14.18 -15.88 -6.10
CA GLY A 153 -14.35 -15.90 -7.54
C GLY A 153 -13.08 -15.94 -8.36
N ILE A 154 -11.92 -16.00 -7.71
CA ILE A 154 -10.64 -16.01 -8.44
C ILE A 154 -10.25 -17.45 -8.76
N ALA A 155 -10.06 -17.74 -10.04
CA ALA A 155 -9.56 -19.04 -10.49
C ALA A 155 -8.04 -19.07 -10.50
N ARG A 156 -7.48 -20.29 -10.39
CA ARG A 156 -6.03 -20.43 -10.40
C ARG A 156 -5.43 -19.94 -11.72
N THR A 157 -6.21 -20.03 -12.80
CA THR A 157 -5.75 -19.64 -14.13
C THR A 157 -6.08 -18.20 -14.49
N HIS A 158 -6.76 -17.46 -13.61
CA HIS A 158 -7.05 -16.07 -13.91
C HIS A 158 -5.77 -15.27 -13.99
N ARG A 159 -5.69 -14.38 -14.98
CA ARG A 159 -4.54 -13.50 -15.15
C ARG A 159 -4.82 -12.19 -14.42
N ALA A 160 -3.97 -11.86 -13.45
CA ALA A 160 -4.18 -10.68 -12.64
C ALA A 160 -3.01 -9.72 -12.78
N VAL A 161 -3.30 -8.42 -12.67
CA VAL A 161 -2.29 -7.39 -12.68
C VAL A 161 -2.53 -6.39 -11.55
N ASP A 162 -1.47 -6.09 -10.79
CA ASP A 162 -1.45 -5.01 -9.80
C ASP A 162 -0.54 -3.91 -10.35
N LEU A 163 -1.15 -2.85 -10.86
CA LEU A 163 -0.39 -1.71 -11.40
C LEU A 163 0.02 -0.79 -10.26
N CYS A 164 1.25 -0.26 -10.32
CA CYS A 164 1.73 0.69 -9.30
C CYS A 164 1.78 0.01 -7.93
N THR A 165 2.53 -1.09 -7.88
CA THR A 165 2.45 -2.08 -6.79
C THR A 165 3.06 -1.60 -5.47
N GLY A 166 4.01 -0.68 -5.48
CA GLY A 166 4.56 -0.23 -4.21
C GLY A 166 5.29 -1.30 -3.45
N SER A 167 4.87 -1.55 -2.19
CA SER A 167 5.39 -2.62 -1.36
C SER A 167 5.11 -4.00 -1.94
N GLY A 168 4.11 -4.10 -2.82
CA GLY A 168 3.67 -5.37 -3.34
C GLY A 168 2.41 -5.93 -2.72
N ILE A 169 1.78 -5.21 -1.77
CA ILE A 169 0.72 -5.79 -0.97
C ILE A 169 -0.42 -6.34 -1.84
N ALA A 170 -0.91 -5.57 -2.82
CA ALA A 170 -2.04 -6.07 -3.60
C ALA A 170 -1.64 -7.26 -4.47
N ALA A 171 -0.45 -7.19 -5.09
CA ALA A 171 0.02 -8.31 -5.88
C ALA A 171 0.13 -9.57 -5.04
N LEU A 172 0.68 -9.42 -3.82
CA LEU A 172 0.87 -10.59 -2.96
C LEU A 172 -0.48 -11.14 -2.49
N TYR A 173 -1.44 -10.25 -2.21
CA TYR A 173 -2.78 -10.73 -1.90
C TYR A 173 -3.36 -11.54 -3.07
N LEU A 174 -3.28 -10.99 -4.28
CA LEU A 174 -3.82 -11.72 -5.43
C LEU A 174 -3.13 -13.07 -5.58
N SER A 175 -1.83 -13.14 -5.28
CA SER A 175 -1.06 -14.36 -5.41
C SER A 175 -1.49 -15.45 -4.42
N LEU A 176 -2.28 -15.10 -3.39
CA LEU A 176 -2.88 -16.12 -2.55
C LEU A 176 -3.88 -16.99 -3.32
N PHE A 177 -4.44 -16.47 -4.43
CA PHE A 177 -5.57 -17.13 -5.07
C PHE A 177 -5.28 -17.53 -6.51
N THR A 178 -4.55 -16.71 -7.26
CA THR A 178 -4.21 -17.06 -8.63
C THR A 178 -2.70 -17.29 -8.77
N ASP A 179 -2.35 -18.15 -9.72
CA ASP A 179 -0.98 -18.51 -10.04
C ASP A 179 -0.37 -17.60 -11.11
N HIS A 180 -1.06 -16.53 -11.50
CA HIS A 180 -0.59 -15.62 -12.54
C HIS A 180 -0.82 -14.16 -12.16
N VAL A 181 0.20 -13.55 -11.57
CA VAL A 181 0.13 -12.17 -11.12
C VAL A 181 1.27 -11.38 -11.74
N LEU A 182 0.93 -10.21 -12.30
CA LEU A 182 1.90 -9.23 -12.76
C LEU A 182 1.86 -8.03 -11.82
N ALA A 183 3.02 -7.58 -11.37
CA ALA A 183 3.13 -6.42 -10.49
C ALA A 183 4.08 -5.41 -11.14
N THR A 184 3.65 -4.15 -11.24
CA THR A 184 4.44 -3.14 -11.94
C THR A 184 4.72 -1.92 -11.08
N ASP A 185 5.84 -1.26 -11.35
CA ASP A 185 6.15 0.02 -10.73
C ASP A 185 7.28 0.64 -11.55
N ILE A 186 7.61 1.89 -11.24
CA ILE A 186 8.75 2.55 -11.90
C ILE A 186 9.76 3.13 -10.91
N GLY A 187 9.47 3.09 -9.60
CA GLY A 187 10.41 3.60 -8.61
C GLY A 187 11.43 2.56 -8.21
N ASP A 188 12.71 2.97 -8.15
CA ASP A 188 13.75 2.04 -7.74
C ASP A 188 13.47 1.45 -6.35
N VAL A 189 13.02 2.28 -5.42
CA VAL A 189 12.88 1.84 -4.02
C VAL A 189 11.71 0.88 -3.89
N PRO A 190 10.49 1.19 -4.38
CA PRO A 190 9.44 0.17 -4.30
C PRO A 190 9.76 -1.10 -5.09
N LEU A 191 10.41 -0.99 -6.25
CA LEU A 191 10.72 -2.20 -7.00
C LEU A 191 11.64 -3.14 -6.22
N ALA A 192 12.65 -2.60 -5.53
CA ALA A 192 13.50 -3.43 -4.69
C ALA A 192 12.73 -4.04 -3.52
N LEU A 193 11.75 -3.31 -2.98
CA LEU A 193 11.02 -3.81 -1.83
C LEU A 193 10.04 -4.92 -2.22
N VAL A 194 9.32 -4.77 -3.34
CA VAL A 194 8.42 -5.88 -3.72
C VAL A 194 9.21 -7.13 -4.09
N GLU A 195 10.45 -7.00 -4.60
CA GLU A 195 11.28 -8.17 -4.81
C GLU A 195 11.51 -8.92 -3.50
N ILE A 196 11.83 -8.18 -2.44
CA ILE A 196 12.01 -8.77 -1.12
C ILE A 196 10.71 -9.40 -0.62
N ASN A 197 9.60 -8.66 -0.73
CA ASN A 197 8.35 -9.18 -0.17
C ASN A 197 7.83 -10.37 -0.96
N ARG A 198 8.11 -10.45 -2.27
CA ARG A 198 7.75 -11.65 -3.03
C ARG A 198 8.45 -12.88 -2.46
N ARG A 199 9.77 -12.78 -2.24
CA ARG A 199 10.52 -13.88 -1.69
C ARG A 199 10.12 -14.19 -0.26
N LEU A 200 9.79 -13.13 0.52
CA LEU A 200 9.38 -13.32 1.90
C LEU A 200 8.10 -14.15 2.03
N ASN A 201 7.28 -14.22 0.99
CA ASN A 201 6.06 -15.02 1.01
C ASN A 201 6.17 -16.25 0.11
N ARG A 202 7.40 -16.70 -0.16
CA ARG A 202 7.68 -17.94 -0.90
C ARG A 202 7.13 -17.90 -2.31
N ARG A 203 7.10 -16.73 -2.93
CA ARG A 203 6.75 -16.58 -4.33
C ARG A 203 8.03 -16.31 -5.13
N ASP A 204 7.97 -16.59 -6.42
CA ASP A 204 9.05 -16.18 -7.31
C ASP A 204 8.45 -15.89 -8.68
N ALA A 205 9.33 -15.72 -9.67
CA ALA A 205 8.88 -15.34 -11.00
C ALA A 205 7.99 -16.40 -11.65
N GLY A 206 7.94 -17.61 -11.10
CA GLY A 206 7.06 -18.64 -11.65
C GLY A 206 5.59 -18.32 -11.51
N THR A 207 5.21 -17.54 -10.49
CA THR A 207 3.81 -17.17 -10.33
C THR A 207 3.60 -15.67 -10.20
N MET A 208 4.64 -14.86 -9.98
CA MET A 208 4.40 -13.42 -9.96
C MET A 208 5.57 -12.71 -10.59
N GLU A 209 5.30 -12.04 -11.70
CA GLU A 209 6.28 -11.24 -12.42
C GLU A 209 6.33 -9.84 -11.82
N ILE A 210 7.53 -9.34 -11.57
CA ILE A 210 7.76 -7.95 -11.18
C ILE A 210 8.35 -7.25 -12.39
N ARG A 211 7.72 -6.17 -12.83
CA ARG A 211 8.11 -5.47 -14.04
C ARG A 211 8.26 -3.97 -13.81
N ARG A 212 9.38 -3.42 -14.28
CA ARG A 212 9.59 -1.98 -14.33
C ARG A 212 8.92 -1.43 -15.58
N GLU A 213 7.78 -0.77 -15.42
CA GLU A 213 6.99 -0.35 -16.57
C GLU A 213 6.00 0.74 -16.18
N ASN A 214 5.92 1.79 -17.01
CA ASN A 214 4.94 2.86 -16.82
C ASN A 214 3.52 2.31 -16.95
N LEU A 215 2.64 2.80 -16.07
CA LEU A 215 1.22 2.46 -16.08
C LEU A 215 0.63 2.51 -17.48
N ASN A 216 0.86 3.62 -18.18
CA ASN A 216 0.20 3.79 -19.48
C ASN A 216 0.79 2.86 -20.52
N ASP A 217 2.04 2.43 -20.35
CA ASP A 217 2.59 1.43 -21.25
C ASP A 217 1.96 0.06 -21.03
N THR A 218 1.78 -0.35 -19.77
CA THR A 218 1.05 -1.61 -19.52
C THR A 218 -0.36 -1.54 -20.06
N LEU A 219 -1.04 -0.39 -19.89
CA LEU A 219 -2.44 -0.28 -20.29
C LEU A 219 -2.60 -0.33 -21.82
N ASP A 220 -1.65 0.22 -22.57
CA ASP A 220 -1.76 0.17 -24.02
C ASP A 220 -1.38 -1.19 -24.59
N GLY A 221 -0.75 -2.03 -23.78
CA GLY A 221 -0.21 -3.28 -24.27
C GLY A 221 -1.29 -4.29 -24.62
N ARG A 222 -0.82 -5.39 -25.21
CA ARG A 222 -1.67 -6.44 -25.75
C ARG A 222 -2.04 -7.50 -24.73
N GLU A 223 -1.40 -7.52 -23.57
CA GLU A 223 -1.79 -8.46 -22.52
C GLU A 223 -3.19 -8.16 -22.02
N ARG A 224 -3.94 -9.22 -21.76
N ARG A 224 -3.97 -9.21 -21.77
CA ARG A 224 -5.32 -9.14 -21.29
CA ARG A 224 -5.32 -9.03 -21.26
C ARG A 224 -5.41 -9.77 -19.90
C ARG A 224 -5.50 -9.80 -19.97
N PHE A 225 -6.29 -9.22 -19.07
CA PHE A 225 -6.37 -9.65 -17.69
C PHE A 225 -7.79 -9.93 -17.26
N ASP A 226 -7.93 -10.86 -16.32
CA ASP A 226 -9.21 -11.14 -15.71
C ASP A 226 -9.48 -10.29 -14.47
N LEU A 227 -8.42 -9.79 -13.85
CA LEU A 227 -8.51 -9.07 -12.58
C LEU A 227 -7.42 -8.01 -12.58
N LEU A 228 -7.78 -6.78 -12.22
CA LEU A 228 -6.83 -5.67 -12.17
C LEU A 228 -7.04 -4.91 -10.86
N THR A 229 -5.94 -4.57 -10.20
CA THR A 229 -5.95 -3.67 -9.06
C THR A 229 -5.02 -2.49 -9.34
N CYS A 230 -5.40 -1.30 -8.87
CA CYS A 230 -4.50 -0.15 -8.93
C CYS A 230 -4.88 0.88 -7.90
N ASN A 231 -3.92 1.21 -7.03
CA ASN A 231 -3.95 2.38 -6.17
C ASN A 231 -2.90 3.34 -6.73
N PRO A 232 -3.26 4.20 -7.68
CA PRO A 232 -2.25 5.02 -8.36
C PRO A 232 -1.96 6.27 -7.56
N PRO A 233 -0.92 7.01 -7.90
CA PRO A 233 -0.82 8.38 -7.40
C PRO A 233 -2.07 9.16 -7.80
N PHE A 234 -2.74 9.76 -6.81
CA PHE A 234 -3.99 10.45 -7.10
C PHE A 234 -4.16 11.80 -6.40
N VAL A 235 -3.16 12.27 -5.65
CA VAL A 235 -3.33 13.52 -4.91
C VAL A 235 -3.01 14.68 -5.84
N ALA A 236 -3.86 15.71 -5.78
CA ALA A 236 -3.66 16.93 -6.54
C ALA A 236 -3.03 17.99 -5.63
N PHE A 237 -1.88 18.49 -6.05
CA PHE A 237 -1.18 19.58 -5.36
C PHE A 237 -1.23 20.86 -6.21
N PRO A 238 -1.18 22.03 -5.59
CA PRO A 238 -1.29 23.28 -6.35
C PRO A 238 -0.14 23.45 -7.33
N PRO A 239 -0.35 24.22 -8.39
CA PRO A 239 0.73 24.44 -9.36
C PRO A 239 1.96 25.03 -8.69
N GLY A 240 3.13 24.54 -9.10
CA GLY A 240 4.40 25.02 -8.60
C GLY A 240 5.00 24.18 -7.50
N TYR A 241 4.23 23.29 -6.89
CA TYR A 241 4.70 22.46 -5.78
C TYR A 241 5.11 21.09 -6.30
N SER A 242 6.23 20.59 -5.78
CA SER A 242 6.68 19.24 -6.09
C SER A 242 6.21 18.29 -5.00
N GLY A 243 5.69 17.14 -5.41
CA GLY A 243 5.31 16.11 -4.47
C GLY A 243 6.32 14.98 -4.44
N THR A 244 5.82 13.76 -4.45
CA THR A 244 6.64 12.56 -4.57
C THR A 244 6.04 11.64 -5.62
N LEU A 245 6.83 10.64 -6.00
CA LEU A 245 6.42 9.68 -7.01
C LEU A 245 5.15 8.94 -6.62
N TYR A 246 4.99 8.57 -5.35
CA TYR A 246 3.82 7.81 -4.96
C TYR A 246 2.58 8.67 -4.72
N SER A 247 2.75 9.97 -4.50
CA SER A 247 1.64 10.81 -4.08
C SER A 247 1.00 11.60 -5.22
N GLN A 248 1.78 12.21 -6.12
CA GLN A 248 1.22 13.23 -6.99
C GLN A 248 0.59 12.63 -8.24
N GLY A 249 -0.73 12.82 -8.38
CA GLY A 249 -1.39 12.39 -9.58
C GLY A 249 -1.17 13.34 -10.74
N THR A 250 -1.45 12.84 -11.93
CA THR A 250 -1.36 13.62 -13.17
C THR A 250 -2.67 14.34 -13.43
N GLY A 251 -2.66 15.22 -14.44
CA GLY A 251 -3.84 15.97 -14.82
C GLY A 251 -4.11 17.17 -13.91
N VAL A 252 -5.07 17.99 -14.34
CA VAL A 252 -5.32 19.25 -13.63
C VAL A 252 -5.79 19.02 -12.20
N ASP A 253 -6.48 17.90 -11.96
CA ASP A 253 -7.08 17.62 -10.65
C ASP A 253 -6.49 16.37 -9.99
N GLY A 254 -5.33 15.90 -10.46
CA GLY A 254 -4.69 14.76 -9.86
C GLY A 254 -5.24 13.41 -10.25
N LEU A 255 -6.29 13.35 -11.06
CA LEU A 255 -6.95 12.08 -11.38
C LEU A 255 -6.62 11.55 -12.77
N GLY A 256 -5.56 12.08 -13.40
CA GLY A 256 -5.24 11.64 -14.76
C GLY A 256 -5.00 10.15 -14.87
N TYR A 257 -4.29 9.55 -13.91
CA TYR A 257 -4.03 8.12 -13.98
C TYR A 257 -5.31 7.31 -13.83
N MET A 258 -6.25 7.79 -13.02
CA MET A 258 -7.53 7.09 -12.91
C MET A 258 -8.27 7.12 -14.24
N ARG A 259 -8.24 8.26 -14.93
CA ARG A 259 -8.84 8.35 -16.27
C ARG A 259 -8.14 7.42 -17.24
N ASP A 260 -6.80 7.40 -17.22
CA ASP A 260 -6.03 6.52 -18.11
C ASP A 260 -6.47 5.08 -17.93
N ILE A 261 -6.57 4.62 -16.67
CA ILE A 261 -6.93 3.23 -16.40
C ILE A 261 -8.33 2.92 -16.88
N VAL A 262 -9.31 3.73 -16.44
CA VAL A 262 -10.70 3.43 -16.74
C VAL A 262 -10.92 3.38 -18.24
N GLY A 263 -10.29 4.32 -18.98
CA GLY A 263 -10.52 4.39 -20.42
C GLY A 263 -10.04 3.18 -21.19
N ARG A 264 -9.07 2.44 -20.64
CA ARG A 264 -8.56 1.25 -21.32
C ARG A 264 -9.16 -0.05 -20.78
N LEU A 265 -10.00 -0.01 -19.75
CA LEU A 265 -10.55 -1.25 -19.21
C LEU A 265 -11.34 -2.07 -20.23
N PRO A 266 -12.13 -1.49 -21.15
CA PRO A 266 -12.86 -2.35 -22.10
C PRO A 266 -11.93 -3.18 -22.96
N GLU A 267 -10.69 -2.72 -23.17
CA GLU A 267 -9.73 -3.45 -24.00
C GLU A 267 -8.78 -4.33 -23.18
N VAL A 268 -8.36 -3.91 -21.99
CA VAL A 268 -7.35 -4.67 -21.26
C VAL A 268 -7.98 -5.79 -20.43
N LEU A 269 -9.23 -5.63 -20.00
CA LEU A 269 -9.91 -6.71 -19.29
C LEU A 269 -10.55 -7.68 -20.28
N ASN A 270 -10.43 -8.97 -19.98
CA ASN A 270 -11.25 -9.95 -20.69
C ASN A 270 -12.72 -9.68 -20.39
N PRO A 271 -13.64 -10.08 -21.28
CA PRO A 271 -15.06 -9.85 -21.01
C PRO A 271 -15.48 -10.50 -19.70
N GLY A 272 -16.11 -9.69 -18.84
CA GLY A 272 -16.50 -10.16 -17.52
C GLY A 272 -15.43 -9.97 -16.45
N GLY A 273 -14.25 -9.52 -16.83
CA GLY A 273 -13.21 -9.21 -15.84
C GLY A 273 -13.56 -8.00 -15.00
N SER A 274 -12.84 -7.86 -13.88
N SER A 274 -12.83 -7.86 -13.89
CA SER A 274 -13.10 -6.80 -12.92
CA SER A 274 -13.09 -6.80 -12.93
C SER A 274 -11.82 -6.04 -12.59
C SER A 274 -11.82 -6.04 -12.59
N ALA A 275 -11.98 -4.73 -12.40
CA ALA A 275 -10.92 -3.86 -11.91
C ALA A 275 -11.33 -3.27 -10.57
N TYR A 276 -10.35 -3.13 -9.67
CA TYR A 276 -10.56 -2.50 -8.36
C TYR A 276 -9.58 -1.36 -8.26
N LEU A 277 -10.11 -0.14 -8.09
CA LEU A 277 -9.30 1.08 -7.96
C LEU A 277 -9.64 1.73 -6.64
N VAL A 278 -8.74 2.59 -6.14
CA VAL A 278 -9.06 3.39 -4.96
C VAL A 278 -8.45 4.78 -5.14
N ALA A 279 -9.19 5.80 -4.69
CA ALA A 279 -8.67 7.17 -4.72
C ALA A 279 -9.44 8.02 -3.73
N ASP A 280 -8.79 9.08 -3.25
CA ASP A 280 -9.45 10.10 -2.43
C ASP A 280 -9.98 11.16 -3.38
N LEU A 281 -11.28 11.12 -3.66
CA LEU A 281 -11.89 11.88 -4.75
C LEU A 281 -12.53 13.16 -4.26
N CYS A 282 -12.19 14.27 -4.93
N CYS A 282 -12.19 14.27 -4.89
CA CYS A 282 -12.84 15.55 -4.67
CA CYS A 282 -12.82 15.54 -4.52
C CYS A 282 -14.32 15.48 -4.98
C CYS A 282 -14.26 15.58 -5.02
N GLY A 283 -15.11 16.28 -4.27
CA GLY A 283 -16.51 16.37 -4.65
C GLY A 283 -17.24 17.50 -3.96
N ASP A 284 -18.53 17.60 -4.27
CA ASP A 284 -19.45 18.49 -3.56
C ASP A 284 -20.20 17.67 -2.52
N ALA A 285 -21.25 18.27 -1.93
CA ALA A 285 -22.01 17.57 -0.90
C ALA A 285 -22.70 16.33 -1.43
N HIS A 286 -23.03 16.28 -2.72
CA HIS A 286 -23.74 15.15 -3.29
C HIS A 286 -22.84 13.95 -3.52
N GLY A 287 -21.55 14.17 -3.78
CA GLY A 287 -20.64 13.07 -4.01
C GLY A 287 -19.42 13.45 -4.82
N PRO A 288 -18.56 12.46 -5.09
CA PRO A 288 -17.31 12.74 -5.82
C PRO A 288 -17.55 13.06 -7.29
N HIS A 289 -16.86 14.12 -7.76
CA HIS A 289 -17.02 14.56 -9.14
C HIS A 289 -16.69 13.47 -10.14
N PHE A 290 -15.67 12.67 -9.85
CA PHE A 290 -15.17 11.68 -10.81
C PHE A 290 -16.25 10.68 -11.19
N LEU A 291 -17.16 10.37 -10.27
CA LEU A 291 -18.19 9.38 -10.60
C LEU A 291 -19.07 9.85 -11.74
N GLY A 292 -19.22 11.17 -11.94
CA GLY A 292 -19.99 11.64 -13.09
C GLY A 292 -19.34 11.31 -14.42
N GLU A 293 -18.02 11.22 -14.45
CA GLU A 293 -17.30 10.86 -15.66
C GLU A 293 -17.49 9.40 -16.04
N LEU A 294 -17.96 8.57 -15.10
CA LEU A 294 -18.05 7.13 -15.35
C LEU A 294 -19.36 6.71 -16.00
N GLU A 295 -20.36 7.59 -16.07
CA GLU A 295 -21.57 7.26 -16.82
C GLU A 295 -21.24 6.92 -18.27
N SER A 296 -20.16 7.51 -18.81
CA SER A 296 -19.75 7.22 -20.17
C SER A 296 -19.28 5.78 -20.33
N MET A 297 -18.88 5.13 -19.23
CA MET A 297 -18.45 3.76 -19.31
C MET A 297 -19.61 2.79 -19.13
N VAL A 298 -20.65 3.25 -18.43
CA VAL A 298 -21.89 2.47 -18.34
C VAL A 298 -22.61 2.45 -19.69
N THR A 299 -22.84 3.63 -20.25
CA THR A 299 -23.53 3.71 -21.54
C THR A 299 -22.66 3.23 -22.68
N GLY A 300 -21.40 3.68 -22.70
CA GLY A 300 -20.55 3.40 -23.85
C GLY A 300 -20.08 1.96 -23.91
N HIS A 301 -19.99 1.27 -22.77
CA HIS A 301 -19.41 -0.07 -22.73
C HIS A 301 -20.21 -1.08 -21.91
N GLY A 302 -21.40 -0.72 -21.43
CA GLY A 302 -22.19 -1.71 -20.71
C GLY A 302 -21.53 -2.21 -19.44
N MET A 303 -20.82 -1.33 -18.75
CA MET A 303 -20.11 -1.75 -17.55
C MET A 303 -21.00 -1.63 -16.33
N ARG A 304 -20.71 -2.44 -15.30
CA ARG A 304 -21.26 -2.20 -13.97
C ARG A 304 -20.15 -1.57 -13.15
N ILE A 305 -20.46 -0.48 -12.46
CA ILE A 305 -19.47 0.27 -11.70
C ILE A 305 -20.04 0.52 -10.31
N GLU A 306 -19.32 0.05 -9.29
CA GLU A 306 -19.75 0.19 -7.90
C GLU A 306 -18.72 1.03 -7.16
N ALA A 307 -19.18 2.10 -6.50
CA ALA A 307 -18.29 3.00 -5.77
C ALA A 307 -18.61 2.90 -4.28
N PHE A 308 -17.61 2.54 -3.47
CA PHE A 308 -17.77 2.34 -2.04
C PHE A 308 -17.09 3.50 -1.32
N ILE A 309 -17.89 4.41 -0.78
CA ILE A 309 -17.36 5.59 -0.11
C ILE A 309 -17.21 5.27 1.37
N ASP A 310 -15.97 5.21 1.84
CA ASP A 310 -15.70 4.74 3.20
C ASP A 310 -15.17 5.83 4.12
N HIS A 311 -14.88 7.02 3.61
CA HIS A 311 -14.44 8.10 4.48
C HIS A 311 -14.79 9.41 3.79
N VAL A 312 -15.35 10.35 4.56
CA VAL A 312 -15.73 11.66 4.05
C VAL A 312 -15.10 12.73 4.94
N LEU A 313 -14.37 13.67 4.32
CA LEU A 313 -13.77 14.77 5.06
C LEU A 313 -14.08 16.09 4.35
N PRO A 314 -14.36 17.15 5.09
CA PRO A 314 -14.42 18.47 4.47
C PRO A 314 -13.04 18.86 3.96
N ALA A 315 -13.02 19.61 2.86
CA ALA A 315 -11.75 20.00 2.25
C ALA A 315 -10.87 20.77 3.23
N SER A 316 -11.49 21.55 4.12
CA SER A 316 -10.73 22.30 5.11
C SER A 316 -9.90 21.39 6.00
N ALA A 317 -10.37 20.17 6.27
CA ALA A 317 -9.63 19.24 7.11
C ALA A 317 -8.42 18.64 6.42
N GLN A 318 -8.29 18.81 5.10
CA GLN A 318 -7.13 18.30 4.37
C GLN A 318 -6.09 19.37 4.10
N VAL A 319 -6.40 20.64 4.36
CA VAL A 319 -5.46 21.72 4.04
C VAL A 319 -4.16 21.53 4.79
N GLY A 320 -4.24 21.25 6.09
CA GLY A 320 -3.07 21.06 6.92
C GLY A 320 -2.24 19.86 6.51
N PRO A 321 -2.87 18.68 6.41
CA PRO A 321 -2.13 17.50 5.97
C PRO A 321 -1.46 17.66 4.61
N ILE A 322 -2.15 18.27 3.64
CA ILE A 322 -1.52 18.50 2.34
C ILE A 322 -0.34 19.46 2.48
N SER A 323 -0.56 20.58 3.19
CA SER A 323 0.49 21.58 3.34
C SER A 323 1.69 21.01 4.08
N ASP A 324 1.44 20.24 5.16
CA ASP A 324 2.51 19.62 5.92
C ASP A 324 3.33 18.70 5.02
N PHE A 325 2.65 17.88 4.22
CA PHE A 325 3.35 16.95 3.34
C PHE A 325 4.22 17.69 2.33
N LEU A 326 3.65 18.73 1.69
CA LEU A 326 4.42 19.50 0.71
C LEU A 326 5.62 20.18 1.35
N ARG A 327 5.43 20.73 2.55
CA ARG A 327 6.55 21.39 3.22
C ARG A 327 7.65 20.40 3.55
N HIS A 328 7.28 19.20 4.05
CA HIS A 328 8.27 18.20 4.41
C HIS A 328 8.97 17.62 3.18
N ALA A 329 8.20 17.30 2.14
CA ALA A 329 8.77 16.60 0.99
C ALA A 329 9.81 17.43 0.28
N ALA A 330 9.59 18.74 0.18
CA ALA A 330 10.49 19.64 -0.54
C ALA A 330 11.45 20.39 0.37
N GLY A 331 11.37 20.18 1.68
CA GLY A 331 12.26 20.88 2.60
C GLY A 331 12.02 22.37 2.63
N LEU A 332 10.77 22.80 2.57
CA LEU A 332 10.44 24.21 2.54
C LEU A 332 10.45 24.79 3.95
N PRO A 333 10.72 26.08 4.10
CA PRO A 333 10.73 26.71 5.42
C PRO A 333 9.30 26.97 5.89
N ALA A 334 9.20 27.51 7.11
CA ALA A 334 7.92 27.60 7.79
C ALA A 334 7.22 28.93 7.59
N ASP A 335 7.78 29.85 6.81
CA ASP A 335 7.10 31.11 6.55
C ASP A 335 6.31 31.11 5.25
N THR A 336 6.37 30.04 4.46
CA THR A 336 5.61 29.97 3.21
C THR A 336 4.13 29.70 3.51
N ASP A 337 3.24 30.50 2.92
CA ASP A 337 1.78 30.32 3.08
C ASP A 337 1.28 29.26 2.10
N ILE A 338 1.67 28.02 2.37
CA ILE A 338 1.21 26.89 1.55
C ILE A 338 -0.30 26.69 1.71
N ALA A 339 -0.81 26.90 2.92
CA ALA A 339 -2.22 26.64 3.19
C ALA A 339 -3.12 27.47 2.29
N ALA A 340 -2.81 28.75 2.08
CA ALA A 340 -3.64 29.56 1.19
C ALA A 340 -3.60 29.03 -0.24
N ASP A 341 -2.42 28.62 -0.73
CA ASP A 341 -2.32 28.03 -2.06
C ASP A 341 -3.16 26.78 -2.18
N VAL A 342 -3.14 25.92 -1.15
CA VAL A 342 -3.96 24.71 -1.17
C VAL A 342 -5.44 25.06 -1.18
N GLN A 343 -5.87 25.98 -0.30
CA GLN A 343 -7.28 26.38 -0.25
C GLN A 343 -7.74 26.93 -1.60
N ALA A 344 -6.95 27.83 -2.19
CA ALA A 344 -7.34 28.43 -3.46
C ALA A 344 -7.47 27.37 -4.55
N PHE A 345 -6.55 26.41 -4.56
CA PHE A 345 -6.55 25.34 -5.55
C PHE A 345 -7.77 24.44 -5.38
N GLN A 346 -8.08 24.08 -4.13
CA GLN A 346 -9.25 23.27 -3.85
C GLN A 346 -10.51 23.94 -4.35
N ARG A 347 -10.61 25.26 -4.13
CA ARG A 347 -11.84 25.95 -4.49
C ARG A 347 -11.94 26.18 -6.00
N GLU A 348 -10.87 26.64 -6.63
CA GLU A 348 -10.93 27.12 -8.01
C GLU A 348 -10.76 26.01 -9.03
N THR A 349 -9.85 25.07 -8.79
CA THR A 349 -9.54 24.02 -9.75
C THR A 349 -10.25 22.70 -9.42
N LEU A 350 -10.19 22.28 -8.16
CA LEU A 350 -10.79 21.01 -7.78
C LEU A 350 -12.29 21.10 -7.54
N ARG A 351 -12.81 22.29 -7.20
CA ARG A 351 -14.18 22.43 -6.71
C ARG A 351 -14.46 21.44 -5.58
N ALA A 352 -13.49 21.30 -4.68
CA ALA A 352 -13.54 20.31 -3.62
C ALA A 352 -14.12 20.94 -2.36
N ASP A 353 -15.40 20.65 -2.09
CA ASP A 353 -15.95 20.92 -0.76
C ASP A 353 -15.63 19.78 0.19
N TYR A 354 -15.48 18.56 -0.35
CA TYR A 354 -15.25 17.35 0.42
C TYR A 354 -14.29 16.46 -0.34
N TYR A 355 -13.63 15.57 0.41
CA TYR A 355 -12.87 14.47 -0.17
C TYR A 355 -13.55 13.17 0.23
N TYR A 356 -13.74 12.28 -0.75
CA TYR A 356 -14.41 10.99 -0.57
C TYR A 356 -13.43 9.87 -0.84
N LEU A 357 -13.00 9.15 0.20
CA LEU A 357 -12.13 7.99 -0.02
C LEU A 357 -12.98 6.86 -0.57
N THR A 358 -12.74 6.49 -1.82
CA THR A 358 -13.66 5.69 -2.62
C THR A 358 -12.92 4.52 -3.24
N THR A 359 -13.40 3.30 -3.00
CA THR A 359 -12.97 2.14 -3.78
C THR A 359 -13.97 1.95 -4.91
N ILE A 360 -13.47 1.69 -6.12
CA ILE A 360 -14.33 1.53 -7.29
C ILE A 360 -14.11 0.17 -7.90
N ARG A 361 -15.17 -0.63 -7.99
N ARG A 361 -15.19 -0.58 -8.10
CA ARG A 361 -15.12 -1.88 -8.75
CA ARG A 361 -15.14 -1.89 -8.74
C ARG A 361 -15.76 -1.63 -10.11
C ARG A 361 -15.83 -1.81 -10.09
N LEU A 362 -15.06 -2.06 -11.17
CA LEU A 362 -15.56 -1.90 -12.53
C LEU A 362 -15.55 -3.23 -13.25
N GLN A 363 -16.69 -3.62 -13.83
CA GLN A 363 -16.77 -4.90 -14.53
C GLN A 363 -17.24 -4.71 -15.96
N THR A 364 -16.55 -5.38 -16.89
CA THR A 364 -16.95 -5.33 -18.28
C THR A 364 -18.02 -6.39 -18.56
N ALA A 365 -18.74 -6.16 -19.66
CA ALA A 365 -19.74 -7.10 -20.16
C ALA A 365 -20.73 -7.50 -19.06
N ALA A 366 -21.19 -6.53 -18.31
CA ALA A 366 -22.02 -6.80 -17.14
C ALA A 366 -23.43 -7.22 -17.54
N GLN A 367 -23.97 -8.21 -16.82
CA GLN A 367 -25.38 -8.54 -17.03
C GLN A 367 -26.32 -7.53 -16.39
N ASN A 368 -25.88 -6.82 -15.35
CA ASN A 368 -26.65 -5.73 -14.73
C ASN A 368 -25.82 -4.45 -14.80
N PRO A 369 -25.66 -3.86 -15.99
CA PRO A 369 -24.86 -2.63 -16.08
C PRO A 369 -25.50 -1.49 -15.30
N GLY A 370 -24.67 -0.54 -14.93
CA GLY A 370 -25.10 0.64 -14.20
C GLY A 370 -24.05 1.10 -13.22
N LEU A 371 -24.20 2.36 -12.78
CA LEU A 371 -23.39 2.96 -11.73
C LEU A 371 -24.14 2.88 -10.40
N ARG A 372 -23.45 2.43 -9.35
CA ARG A 372 -24.03 2.35 -8.02
C ARG A 372 -23.08 3.01 -7.05
N MET A 373 -23.56 3.99 -6.28
CA MET A 373 -22.67 4.67 -5.33
C MET A 373 -23.19 4.41 -3.94
N LEU A 374 -22.35 3.80 -3.11
CA LEU A 374 -22.69 3.41 -1.76
C LEU A 374 -22.09 4.41 -0.78
N ARG A 375 -22.96 5.07 -0.03
CA ARG A 375 -22.58 6.03 0.99
C ARG A 375 -23.34 5.70 2.26
N ARG A 376 -22.70 5.97 3.38
CA ARG A 376 -23.35 5.89 4.65
C ARG A 376 -23.79 7.32 4.89
#